data_1QD9
#
_entry.id   1QD9
#
_cell.length_a   53.350
_cell.length_b   53.350
_cell.length_c   204.960
_cell.angle_alpha   90.00
_cell.angle_beta   90.00
_cell.angle_gamma   120.00
#
_symmetry.space_group_name_H-M   'P 65'
#
loop_
_entity.id
_entity.type
_entity.pdbx_description
1 polymer 'PURINE REGULATORY PROTEIN YABJ'
2 non-polymer 'MERCURY (II) ION'
3 non-polymer 'ACETIC ACID'
4 non-polymer 'ETHYL MERCURY ION'
5 water water
#
_entity_poly.entity_id   1
_entity_poly.type   'polypeptide(L)'
_entity_poly.pdbx_seq_one_letter_code
;TKAVHTKHAPAAIGPYSQGIIVNNMFYSSGQIPLTPSGEMVNGDIKEQTHQVFSNLKAVLEEAGASFETVVKATVFIADM
EQFAEVNEVYGQYFDTHKPARSCVEVARLPKDALVEIEVIALVK
;
_entity_poly.pdbx_strand_id   A,B,C
#
loop_
_chem_comp.id
_chem_comp.type
_chem_comp.name
_chem_comp.formula
ACY non-polymer 'ACETIC ACID' 'C2 H4 O2'
EMC non-polymer 'ETHYL MERCURY ION' 'C2 H5 Hg 1'
HG non-polymer 'MERCURY (II) ION' 'Hg 2'
#
# COMPACT_ATOMS: atom_id res chain seq x y z
N THR A 1 -10.60 -17.76 -6.30
CA THR A 1 -10.74 -16.38 -5.75
C THR A 1 -12.21 -16.13 -5.48
N LYS A 2 -12.49 -15.33 -4.46
CA LYS A 2 -13.87 -15.08 -4.08
C LYS A 2 -14.03 -13.68 -3.51
N ALA A 3 -15.12 -13.01 -3.87
CA ALA A 3 -15.38 -11.68 -3.32
C ALA A 3 -16.01 -11.95 -1.97
N VAL A 4 -15.68 -11.12 -0.97
CA VAL A 4 -16.26 -11.28 0.36
C VAL A 4 -17.40 -10.28 0.53
N HIS A 5 -18.55 -10.76 1.03
CA HIS A 5 -19.71 -9.90 1.23
C HIS A 5 -20.26 -10.09 2.64
N THR A 6 -20.40 -9.00 3.39
CA THR A 6 -20.98 -9.09 4.73
C THR A 6 -21.87 -7.89 5.02
N LYS A 7 -23.04 -8.15 5.62
CA LYS A 7 -23.98 -7.09 5.99
C LYS A 7 -23.56 -6.43 7.32
N HIS A 8 -22.43 -6.87 7.88
CA HIS A 8 -21.97 -6.33 9.16
C HIS A 8 -20.89 -5.27 9.03
N ALA A 9 -20.76 -4.77 7.81
CA ALA A 9 -19.83 -3.70 7.47
C ALA A 9 -20.55 -2.89 6.38
N PRO A 10 -20.16 -1.62 6.18
CA PRO A 10 -20.84 -0.84 5.13
C PRO A 10 -20.75 -1.54 3.76
N ALA A 11 -21.84 -1.50 3.01
CA ALA A 11 -21.89 -2.14 1.71
C ALA A 11 -20.88 -1.53 0.75
N ALA A 12 -20.33 -2.35 -0.13
CA ALA A 12 -19.38 -1.83 -1.13
C ALA A 12 -20.27 -1.40 -2.28
N ILE A 13 -20.43 -0.10 -2.47
CA ILE A 13 -21.28 0.41 -3.54
C ILE A 13 -20.39 0.87 -4.67
N GLY A 14 -20.47 0.21 -5.81
CA GLY A 14 -19.60 0.59 -6.89
C GLY A 14 -18.70 -0.56 -7.32
N PRO A 15 -17.66 -0.27 -8.10
CA PRO A 15 -16.72 -1.26 -8.62
C PRO A 15 -15.63 -1.79 -7.69
N TYR A 16 -16.02 -2.22 -6.50
CA TYR A 16 -15.04 -2.81 -5.58
C TYR A 16 -15.78 -3.75 -4.64
N SER A 17 -15.04 -4.62 -3.96
CA SER A 17 -15.61 -5.57 -3.00
C SER A 17 -15.08 -5.21 -1.61
N GLN A 18 -15.83 -5.56 -0.57
CA GLN A 18 -15.37 -5.30 0.79
C GLN A 18 -14.01 -5.98 1.01
N GLY A 19 -13.82 -7.11 0.34
CA GLY A 19 -12.55 -7.84 0.44
C GLY A 19 -12.52 -8.94 -0.62
N ILE A 20 -11.34 -9.52 -0.83
CA ILE A 20 -11.14 -10.58 -1.82
C ILE A 20 -10.27 -11.69 -1.21
N ILE A 21 -10.65 -12.93 -1.47
CA ILE A 21 -9.84 -14.06 -1.04
C ILE A 21 -9.17 -14.62 -2.28
N VAL A 22 -7.83 -14.79 -2.22
CA VAL A 22 -7.06 -15.37 -3.34
C VAL A 22 -6.03 -16.29 -2.71
N ASN A 23 -5.90 -17.51 -3.25
CA ASN A 23 -5.02 -18.51 -2.67
C ASN A 23 -5.46 -18.69 -1.22
N ASN A 24 -4.55 -18.54 -0.25
CA ASN A 24 -4.96 -18.65 1.15
C ASN A 24 -4.88 -17.29 1.83
N MET A 25 -4.98 -16.23 1.05
CA MET A 25 -4.88 -14.88 1.62
C MET A 25 -6.14 -14.04 1.43
N PHE A 26 -6.37 -13.12 2.36
CA PHE A 26 -7.51 -12.23 2.30
C PHE A 26 -7.02 -10.77 2.23
N TYR A 27 -7.55 -10.01 1.29
CA TYR A 27 -7.21 -8.59 1.16
C TYR A 27 -8.47 -7.79 1.42
N SER A 28 -8.45 -6.89 2.39
CA SER A 28 -9.63 -6.06 2.60
C SER A 28 -9.50 -4.75 1.85
N SER A 29 -10.62 -4.10 1.61
CA SER A 29 -10.62 -2.77 1.05
C SER A 29 -10.32 -1.90 2.27
N GLY A 30 -9.91 -0.65 2.07
CA GLY A 30 -9.67 0.21 3.21
C GLY A 30 -11.00 0.51 3.89
N GLN A 31 -11.07 0.32 5.19
CA GLN A 31 -12.32 0.58 5.90
C GLN A 31 -12.30 1.97 6.52
N ILE A 32 -13.43 2.66 6.41
CA ILE A 32 -13.59 3.99 6.98
C ILE A 32 -14.65 3.90 8.10
N PRO A 33 -14.77 4.95 8.93
CA PRO A 33 -15.73 4.97 10.05
C PRO A 33 -17.24 4.98 9.78
N LEU A 34 -17.69 4.33 8.71
CA LEU A 34 -19.11 4.27 8.40
C LEU A 34 -19.77 3.09 9.12
N THR A 35 -21.04 3.24 9.50
CA THR A 35 -21.76 2.14 10.13
C THR A 35 -22.26 1.25 9.00
N PRO A 36 -22.71 0.03 9.31
CA PRO A 36 -23.22 -0.86 8.27
C PRO A 36 -24.35 -0.21 7.46
N SER A 37 -25.12 0.66 8.11
CA SER A 37 -26.22 1.35 7.41
C SER A 37 -25.75 2.49 6.52
N GLY A 38 -24.44 2.75 6.49
CA GLY A 38 -23.92 3.79 5.62
C GLY A 38 -23.72 5.19 6.19
N GLU A 39 -23.92 5.36 7.48
CA GLU A 39 -23.73 6.67 8.10
C GLU A 39 -22.36 6.81 8.74
N MET A 40 -21.74 7.98 8.59
CA MET A 40 -20.45 8.21 9.22
C MET A 40 -20.68 8.21 10.72
N VAL A 41 -19.84 7.46 11.43
CA VAL A 41 -19.96 7.37 12.87
C VAL A 41 -19.85 8.75 13.51
N ASN A 42 -20.71 8.97 14.50
CA ASN A 42 -20.76 10.21 15.26
C ASN A 42 -19.75 10.10 16.39
N GLY A 43 -18.87 11.09 16.53
CA GLY A 43 -17.89 11.03 17.61
C GLY A 43 -16.46 11.45 17.29
N ASP A 44 -15.57 11.31 18.28
CA ASP A 44 -14.17 11.71 18.10
C ASP A 44 -13.33 10.67 17.33
N ILE A 45 -12.01 10.87 17.37
CA ILE A 45 -11.12 9.96 16.66
C ILE A 45 -11.18 8.53 17.20
N LYS A 46 -11.29 8.36 18.51
CA LYS A 46 -11.34 7.01 19.07
C LYS A 46 -12.61 6.27 18.64
N GLU A 47 -13.74 6.97 18.65
CA GLU A 47 -14.98 6.36 18.23
C GLU A 47 -14.92 6.00 16.75
N GLN A 48 -14.30 6.86 15.94
CA GLN A 48 -14.19 6.58 14.52
C GLN A 48 -13.30 5.36 14.33
N THR A 49 -12.21 5.28 15.08
CA THR A 49 -11.29 4.17 14.95
C THR A 49 -11.95 2.86 15.36
N HIS A 50 -12.78 2.91 16.39
CA HIS A 50 -13.49 1.72 16.83
C HIS A 50 -14.44 1.22 15.73
N GLN A 51 -15.09 2.14 15.03
CA GLN A 51 -16.02 1.72 13.97
C GLN A 51 -15.24 1.08 12.84
N VAL A 52 -14.06 1.62 12.54
CA VAL A 52 -13.24 1.04 11.49
C VAL A 52 -12.89 -0.40 11.91
N PHE A 53 -12.55 -0.59 13.17
CA PHE A 53 -12.23 -1.95 13.60
C PHE A 53 -13.44 -2.88 13.58
N SER A 54 -14.64 -2.37 13.91
CA SER A 54 -15.82 -3.23 13.84
C SER A 54 -15.99 -3.66 12.38
N ASN A 55 -15.74 -2.74 11.45
CA ASN A 55 -15.87 -3.06 10.02
C ASN A 55 -14.84 -4.10 9.58
N LEU A 56 -13.60 -3.95 10.03
CA LEU A 56 -12.57 -4.93 9.69
C LEU A 56 -12.91 -6.31 10.27
N LYS A 57 -13.37 -6.32 11.52
CA LYS A 57 -13.73 -7.58 12.18
C LYS A 57 -14.78 -8.32 11.34
N ALA A 58 -15.78 -7.57 10.88
CA ALA A 58 -16.85 -8.14 10.05
C ALA A 58 -16.33 -8.76 8.75
N VAL A 59 -15.49 -8.02 8.01
CA VAL A 59 -14.97 -8.56 6.76
C VAL A 59 -13.96 -9.69 6.99
N LEU A 60 -13.12 -9.56 8.02
CA LEU A 60 -12.16 -10.62 8.33
C LEU A 60 -12.89 -11.93 8.64
N GLU A 61 -13.87 -11.88 9.54
CA GLU A 61 -14.59 -13.09 9.92
C GLU A 61 -15.37 -13.70 8.77
N GLU A 62 -16.00 -12.87 7.94
CA GLU A 62 -16.74 -13.40 6.81
C GLU A 62 -15.76 -14.15 5.89
N ALA A 63 -14.53 -13.65 5.81
CA ALA A 63 -13.50 -14.27 4.95
C ALA A 63 -12.82 -15.50 5.55
N GLY A 64 -13.14 -15.81 6.81
CA GLY A 64 -12.50 -16.96 7.44
C GLY A 64 -11.18 -16.59 8.06
N ALA A 65 -10.97 -15.30 8.32
CA ALA A 65 -9.75 -14.81 8.95
C ALA A 65 -10.11 -14.13 10.30
N SER A 66 -9.12 -13.52 10.94
CA SER A 66 -9.36 -12.85 12.22
C SER A 66 -8.24 -11.85 12.49
N PHE A 67 -8.37 -11.04 13.52
CA PHE A 67 -7.29 -10.11 13.81
C PHE A 67 -6.03 -10.89 14.08
N GLU A 68 -6.17 -12.09 14.63
CA GLU A 68 -4.99 -12.89 14.94
C GLU A 68 -4.23 -13.39 13.71
N THR A 69 -4.87 -13.34 12.54
CA THR A 69 -4.18 -13.78 11.33
C THR A 69 -3.80 -12.63 10.39
N VAL A 70 -4.02 -11.40 10.84
CA VAL A 70 -3.63 -10.25 10.01
C VAL A 70 -2.09 -10.20 9.92
N VAL A 71 -1.55 -10.10 8.71
CA VAL A 71 -0.10 -10.04 8.53
C VAL A 71 0.45 -8.64 8.30
N LYS A 72 -0.35 -7.78 7.68
CA LYS A 72 0.09 -6.44 7.34
C LYS A 72 -1.11 -5.51 7.33
N ALA A 73 -0.94 -4.32 7.88
CA ALA A 73 -1.99 -3.31 7.88
C ALA A 73 -1.39 -1.99 7.40
N THR A 74 -2.21 -1.16 6.78
CA THR A 74 -1.77 0.17 6.40
C THR A 74 -2.82 1.09 7.01
N VAL A 75 -2.34 2.06 7.78
CA VAL A 75 -3.21 3.02 8.44
C VAL A 75 -2.99 4.39 7.80
N PHE A 76 -4.07 5.01 7.33
CA PHE A 76 -4.01 6.35 6.73
C PHE A 76 -4.76 7.23 7.70
N ILE A 77 -4.14 8.30 8.21
CA ILE A 77 -4.85 9.18 9.12
C ILE A 77 -4.88 10.62 8.62
N ALA A 78 -5.92 11.36 8.99
CA ALA A 78 -6.06 12.75 8.58
C ALA A 78 -5.14 13.72 9.34
N ASP A 79 -4.76 13.36 10.56
CA ASP A 79 -3.90 14.24 11.35
C ASP A 79 -2.92 13.44 12.24
N MET A 80 -1.63 13.53 11.96
CA MET A 80 -0.61 12.81 12.73
C MET A 80 -0.65 13.19 14.21
N GLU A 81 -1.19 14.35 14.53
CA GLU A 81 -1.26 14.77 15.92
C GLU A 81 -2.21 13.87 16.71
N GLN A 82 -3.04 13.10 16.01
CA GLN A 82 -3.99 12.18 16.66
C GLN A 82 -3.49 10.75 16.63
N PHE A 83 -2.21 10.56 16.30
CA PHE A 83 -1.60 9.23 16.23
C PHE A 83 -1.75 8.41 17.52
N ALA A 84 -1.42 9.03 18.67
CA ALA A 84 -1.51 8.29 19.92
C ALA A 84 -2.90 7.75 20.19
N GLU A 85 -3.91 8.56 19.89
CA GLU A 85 -5.29 8.16 20.10
C GLU A 85 -5.68 6.99 19.21
N VAL A 86 -5.30 7.06 17.94
CA VAL A 86 -5.61 5.99 17.01
C VAL A 86 -4.87 4.72 17.45
N ASN A 87 -3.60 4.88 17.82
CA ASN A 87 -2.78 3.77 18.23
C ASN A 87 -3.33 3.06 19.47
N GLU A 88 -3.86 3.82 20.41
CA GLU A 88 -4.41 3.24 21.64
C GLU A 88 -5.57 2.30 21.31
N VAL A 89 -6.41 2.68 20.36
CA VAL A 89 -7.54 1.83 19.98
C VAL A 89 -7.02 0.65 19.15
N TYR A 90 -6.12 0.94 18.23
CA TYR A 90 -5.52 -0.07 17.36
C TYR A 90 -4.93 -1.20 18.22
N GLY A 91 -4.24 -0.80 19.30
CA GLY A 91 -3.60 -1.74 20.21
C GLY A 91 -4.53 -2.68 20.96
N GLN A 92 -5.78 -2.26 21.13
CA GLN A 92 -6.76 -3.10 21.82
C GLN A 92 -7.09 -4.34 20.99
N TYR A 93 -7.00 -4.22 19.67
CA TYR A 93 -7.33 -5.35 18.79
C TYR A 93 -6.11 -6.20 18.41
N PHE A 94 -4.93 -5.60 18.45
CA PHE A 94 -3.68 -6.30 18.16
C PHE A 94 -2.90 -6.23 19.46
N ASP A 95 -3.49 -6.89 20.45
CA ASP A 95 -3.03 -6.93 21.82
C ASP A 95 -1.75 -7.71 22.09
N THR A 96 -1.62 -8.87 21.44
CA THR A 96 -0.44 -9.71 21.61
C THR A 96 0.05 -10.15 20.21
N HIS A 97 -0.86 -10.16 19.24
CA HIS A 97 -0.50 -10.47 17.85
C HIS A 97 -0.24 -9.11 17.22
N LYS A 98 0.95 -8.93 16.65
CA LYS A 98 1.32 -7.64 16.08
C LYS A 98 1.74 -7.69 14.62
N PRO A 99 0.81 -7.31 13.72
CA PRO A 99 1.06 -7.30 12.27
C PRO A 99 2.13 -6.28 11.88
N ALA A 100 2.65 -6.45 10.67
CA ALA A 100 3.58 -5.46 10.09
C ALA A 100 2.62 -4.27 9.83
N ARG A 101 3.15 -3.05 9.80
CA ARG A 101 2.28 -1.90 9.60
C ARG A 101 3.01 -0.70 9.06
N SER A 102 2.27 0.17 8.39
CA SER A 102 2.82 1.43 7.93
C SER A 102 1.70 2.39 8.28
N CYS A 103 2.06 3.55 8.78
CA CYS A 103 1.05 4.50 9.18
C CYS A 103 1.49 5.87 8.70
N VAL A 104 0.62 6.56 7.93
CA VAL A 104 1.01 7.88 7.44
C VAL A 104 -0.16 8.85 7.45
N GLU A 105 0.16 10.15 7.42
CA GLU A 105 -0.89 11.17 7.36
C GLU A 105 -1.09 11.52 5.90
N VAL A 106 -2.33 11.41 5.43
CA VAL A 106 -2.63 11.73 4.04
C VAL A 106 -3.29 13.11 3.99
N ALA A 107 -3.49 13.62 2.78
CA ALA A 107 -4.10 14.94 2.63
C ALA A 107 -5.58 14.91 2.99
N ARG A 108 -6.30 13.88 2.54
CA ARG A 108 -7.73 13.77 2.80
C ARG A 108 -8.19 12.34 2.53
N LEU A 109 -9.28 11.95 3.18
CA LEU A 109 -9.83 10.61 3.00
C LEU A 109 -11.27 10.67 2.51
N PRO A 110 -11.78 9.57 1.98
CA PRO A 110 -13.16 9.56 1.49
C PRO A 110 -14.10 9.98 2.61
N LYS A 111 -15.11 10.77 2.24
CA LYS A 111 -16.12 11.28 3.17
C LYS A 111 -15.50 12.06 4.32
N ASP A 112 -14.31 12.59 4.09
CA ASP A 112 -13.56 13.33 5.10
C ASP A 112 -13.35 12.55 6.41
N ALA A 113 -13.18 11.24 6.26
CA ALA A 113 -12.93 10.37 7.40
C ALA A 113 -11.62 10.82 8.08
N LEU A 114 -11.48 10.52 9.36
CA LEU A 114 -10.26 10.88 10.07
C LEU A 114 -9.26 9.73 10.05
N VAL A 115 -9.73 8.55 9.68
CA VAL A 115 -8.85 7.39 9.65
C VAL A 115 -9.40 6.32 8.69
N GLU A 116 -8.51 5.61 8.01
CA GLU A 116 -8.89 4.54 7.08
C GLU A 116 -7.84 3.43 7.26
N ILE A 117 -8.27 2.19 7.40
CA ILE A 117 -7.31 1.12 7.59
C ILE A 117 -7.63 -0.08 6.68
N GLU A 118 -6.59 -0.63 6.05
CA GLU A 118 -6.72 -1.81 5.19
C GLU A 118 -5.83 -2.89 5.80
N VAL A 119 -6.21 -4.15 5.61
CA VAL A 119 -5.44 -5.28 6.13
C VAL A 119 -5.30 -6.41 5.11
N ILE A 120 -4.28 -7.23 5.33
CA ILE A 120 -4.02 -8.43 4.52
C ILE A 120 -3.91 -9.49 5.60
N ALA A 121 -4.60 -10.62 5.43
CA ALA A 121 -4.59 -11.65 6.45
C ALA A 121 -4.59 -13.07 5.89
N LEU A 122 -4.13 -14.00 6.70
CA LEU A 122 -4.08 -15.42 6.33
C LEU A 122 -5.44 -16.06 6.60
N VAL A 123 -5.92 -16.84 5.64
CA VAL A 123 -7.20 -17.54 5.79
C VAL A 123 -6.85 -18.95 6.26
N LYS A 124 -7.18 -19.21 7.53
CA LYS A 124 -6.90 -20.48 8.20
C LYS A 124 -7.56 -21.72 7.58
N THR B 1 3.34 -18.89 10.26
CA THR B 1 3.43 -17.39 10.24
C THR B 1 4.17 -16.91 11.49
N LYS B 2 5.03 -15.91 11.33
CA LYS B 2 5.78 -15.45 12.48
C LYS B 2 6.35 -14.06 12.34
N ALA B 3 6.51 -13.41 13.49
CA ALA B 3 7.05 -12.07 13.56
C ALA B 3 8.55 -12.13 13.40
N VAL B 4 9.11 -11.07 12.84
CA VAL B 4 10.53 -10.94 12.62
C VAL B 4 11.06 -9.91 13.59
N HIS B 5 12.20 -10.19 14.22
CA HIS B 5 12.79 -9.24 15.14
C HIS B 5 14.30 -9.24 15.08
N THR B 6 14.87 -8.05 14.95
CA THR B 6 16.32 -7.92 14.90
C THR B 6 16.77 -6.65 15.64
N LYS B 7 17.83 -6.79 16.42
CA LYS B 7 18.38 -5.66 17.16
C LYS B 7 19.09 -4.68 16.22
N HIS B 8 19.24 -5.07 14.96
CA HIS B 8 19.91 -4.22 13.98
C HIS B 8 18.99 -3.24 13.24
N ALA B 9 17.75 -3.16 13.68
CA ALA B 9 16.78 -2.20 13.11
C ALA B 9 16.11 -1.60 14.35
N PRO B 10 15.55 -0.38 14.23
CA PRO B 10 14.88 0.26 15.37
C PRO B 10 13.83 -0.69 15.95
N ALA B 11 13.76 -0.75 17.27
CA ALA B 11 12.78 -1.60 17.93
C ALA B 11 11.37 -1.13 17.56
N ALA B 12 10.45 -2.09 17.44
CA ALA B 12 9.07 -1.76 17.11
C ALA B 12 8.37 -1.47 18.43
N ILE B 13 8.16 -0.20 18.74
CA ILE B 13 7.48 0.17 19.97
C ILE B 13 6.03 0.53 19.65
N GLY B 14 5.13 -0.34 20.07
CA GLY B 14 3.73 -0.14 19.82
C GLY B 14 3.09 -1.45 19.41
N PRO B 15 1.88 -1.39 18.87
CA PRO B 15 1.23 -2.64 18.46
C PRO B 15 1.61 -3.13 17.05
N TYR B 16 2.90 -3.25 16.76
CA TYR B 16 3.31 -3.78 15.45
C TYR B 16 4.66 -4.48 15.56
N SER B 17 4.99 -5.28 14.54
CA SER B 17 6.24 -6.01 14.49
C SER B 17 7.07 -5.41 13.36
N GLN B 18 8.40 -5.53 13.46
CA GLN B 18 9.29 -5.03 12.41
C GLN B 18 8.90 -5.67 11.06
N GLY B 19 8.42 -6.90 11.11
CA GLY B 19 7.98 -7.59 9.90
C GLY B 19 7.27 -8.89 10.24
N ILE B 20 6.58 -9.49 9.26
CA ILE B 20 5.87 -10.74 9.41
C ILE B 20 6.14 -11.62 8.20
N ILE B 21 6.34 -12.91 8.47
CA ILE B 21 6.52 -13.87 7.40
C ILE B 21 5.23 -14.70 7.34
N VAL B 22 4.64 -14.82 6.14
CA VAL B 22 3.45 -15.63 5.91
C VAL B 22 3.73 -16.40 4.61
N ASN B 23 3.51 -17.72 4.65
CA ASN B 23 3.85 -18.61 3.54
C ASN B 23 5.34 -18.35 3.29
N ASN B 24 5.73 -18.00 2.07
CA ASN B 24 7.14 -17.72 1.76
C ASN B 24 7.32 -16.24 1.45
N MET B 25 6.51 -15.40 2.06
CA MET B 25 6.61 -13.98 1.81
C MET B 25 6.84 -13.18 3.08
N PHE B 26 7.72 -12.20 2.97
CA PHE B 26 8.03 -11.32 4.10
C PHE B 26 7.40 -9.93 3.85
N TYR B 27 6.72 -9.41 4.87
CA TYR B 27 6.11 -8.08 4.81
C TYR B 27 6.80 -7.24 5.86
N SER B 28 7.48 -6.17 5.46
CA SER B 28 8.09 -5.31 6.47
C SER B 28 7.14 -4.20 6.88
N SER B 29 7.38 -3.65 8.05
CA SER B 29 6.65 -2.47 8.46
C SER B 29 7.36 -1.36 7.69
N GLY B 30 6.74 -0.18 7.62
CA GLY B 30 7.40 0.92 6.94
C GLY B 30 8.60 1.35 7.77
N GLN B 31 9.76 1.53 7.14
CA GLN B 31 10.94 1.95 7.88
C GLN B 31 11.23 3.43 7.67
N ILE B 32 11.53 4.13 8.76
CA ILE B 32 11.87 5.55 8.70
C ILE B 32 13.36 5.68 9.06
N PRO B 33 13.94 6.87 8.91
CA PRO B 33 15.37 7.11 9.19
C PRO B 33 15.88 7.07 10.63
N LEU B 34 15.39 6.12 11.41
CA LEU B 34 15.84 5.98 12.81
C LEU B 34 17.01 5.02 12.84
N THR B 35 17.96 5.28 13.73
CA THR B 35 19.09 4.38 13.90
C THR B 35 18.58 3.26 14.79
N PRO B 36 19.34 2.15 14.88
CA PRO B 36 18.86 1.06 15.74
C PRO B 36 18.59 1.50 17.18
N SER B 37 19.30 2.53 17.65
CA SER B 37 19.13 3.03 19.02
C SER B 37 17.87 3.87 19.19
N GLY B 38 17.12 4.07 18.12
CA GLY B 38 15.88 4.82 18.25
C GLY B 38 15.84 6.30 17.94
N GLU B 39 16.94 6.91 17.48
CA GLU B 39 16.87 8.32 17.16
C GLU B 39 17.08 8.63 15.68
N MET B 40 16.48 9.72 15.22
CA MET B 40 16.60 10.15 13.84
C MET B 40 18.04 10.47 13.50
N VAL B 41 18.52 9.89 12.40
CA VAL B 41 19.90 10.12 11.96
C VAL B 41 19.63 11.57 11.57
C VAL B 41 20.61 11.44 11.73
N ASN B 42 20.62 12.43 11.75
N ASN B 42 19.90 12.55 11.76
CA ASN B 42 20.49 13.85 11.46
C ASN B 42 21.40 13.90 10.23
N GLY B 43 20.98 14.67 9.24
CA GLY B 43 21.71 14.77 8.00
C GLY B 43 20.64 15.02 6.97
N ASP B 44 21.03 15.19 5.72
CA ASP B 44 20.11 15.47 4.63
C ASP B 44 19.28 14.27 4.19
N ILE B 45 18.59 14.44 3.08
CA ILE B 45 17.74 13.41 2.51
C ILE B 45 18.58 12.16 2.14
N LYS B 46 19.82 12.36 1.70
CA LYS B 46 20.68 11.22 1.35
C LYS B 46 20.98 10.34 2.55
N GLU B 47 21.36 10.95 3.67
CA GLU B 47 21.67 10.19 4.87
C GLU B 47 20.42 9.52 5.42
N GLN B 48 19.29 10.21 5.32
CA GLN B 48 18.05 9.63 5.82
C GLN B 48 17.67 8.42 4.97
N THR B 49 17.85 8.51 3.66
CA THR B 49 17.50 7.41 2.77
C THR B 49 18.43 6.21 3.04
N HIS B 50 19.72 6.46 3.19
CA HIS B 50 20.64 5.36 3.51
C HIS B 50 20.24 4.64 4.82
N GLN B 51 19.83 5.40 5.84
CA GLN B 51 19.44 4.77 7.10
C GLN B 51 18.18 3.92 6.90
N VAL B 52 17.25 4.41 6.09
CA VAL B 52 16.05 3.61 5.85
C VAL B 52 16.46 2.27 5.22
N PHE B 53 17.43 2.30 4.31
CA PHE B 53 17.88 1.08 3.68
C PHE B 53 18.66 0.17 4.63
N SER B 54 19.42 0.75 5.56
CA SER B 54 20.12 -0.06 6.55
C SER B 54 19.08 -0.82 7.35
N ASN B 55 18.00 -0.12 7.71
CA ASN B 55 16.93 -0.75 8.47
C ASN B 55 16.26 -1.87 7.68
N LEU B 56 15.96 -1.62 6.42
CA LEU B 56 15.36 -2.64 5.55
C LEU B 56 16.28 -3.86 5.41
N LYS B 57 17.58 -3.60 5.22
CA LYS B 57 18.52 -4.70 5.07
C LYS B 57 18.48 -5.59 6.32
N ALA B 58 18.46 -4.98 7.49
CA ALA B 58 18.42 -5.74 8.74
C ALA B 58 17.16 -6.61 8.87
N VAL B 59 15.99 -6.03 8.60
CA VAL B 59 14.78 -6.83 8.72
C VAL B 59 14.68 -7.88 7.62
N LEU B 60 15.13 -7.54 6.41
CA LEU B 60 15.11 -8.50 5.32
C LEU B 60 15.97 -9.72 5.67
N GLU B 61 17.21 -9.47 6.10
CA GLU B 61 18.11 -10.58 6.43
C GLU B 61 17.62 -11.44 7.59
N GLU B 62 17.03 -10.82 8.61
CA GLU B 62 16.51 -11.58 9.74
C GLU B 62 15.37 -12.49 9.26
N ALA B 63 14.64 -12.06 8.23
CA ALA B 63 13.53 -12.85 7.71
C ALA B 63 13.94 -13.91 6.71
N GLY B 64 15.22 -13.91 6.31
CA GLY B 64 15.69 -14.89 5.34
C GLY B 64 15.47 -14.42 3.90
N ALA B 65 15.33 -13.10 3.72
CA ALA B 65 15.14 -12.50 2.40
C ALA B 65 16.32 -11.56 2.17
N SER B 66 16.29 -10.81 1.08
CA SER B 66 17.37 -9.85 0.78
C SER B 66 16.86 -8.79 -0.19
N PHE B 67 17.68 -7.79 -0.49
CA PHE B 67 17.21 -6.80 -1.46
C PHE B 67 16.95 -7.50 -2.78
N GLU B 68 17.69 -8.59 -3.03
CA GLU B 68 17.53 -9.32 -4.27
C GLU B 68 16.22 -10.09 -4.42
N THR B 69 15.49 -10.27 -3.32
CA THR B 69 14.20 -10.98 -3.40
C THR B 69 13.00 -10.07 -3.14
N VAL B 70 13.26 -8.77 -3.05
CA VAL B 70 12.15 -7.80 -2.84
C VAL B 70 11.30 -7.78 -4.10
N VAL B 71 9.98 -7.91 -3.95
CA VAL B 71 9.13 -7.89 -5.13
C VAL B 71 8.40 -6.56 -5.35
N LYS B 72 8.09 -5.85 -4.26
CA LYS B 72 7.39 -4.60 -4.37
C LYS B 72 7.77 -3.69 -3.21
N ALA B 73 7.99 -2.42 -3.51
CA ALA B 73 8.28 -1.45 -2.47
C ALA B 73 7.31 -0.30 -2.63
N THR B 74 7.00 0.37 -1.53
CA THR B 74 6.17 1.58 -1.59
C THR B 74 7.01 2.63 -0.89
N VAL B 75 7.25 3.73 -1.59
CA VAL B 75 8.05 4.81 -1.10
C VAL B 75 7.16 6.02 -0.76
N PHE B 76 7.29 6.54 0.46
CA PHE B 76 6.54 7.74 0.86
C PHE B 76 7.60 8.82 1.08
N ILE B 77 7.47 9.97 0.41
CA ILE B 77 8.45 11.03 0.65
C ILE B 77 7.76 12.30 1.10
N ALA B 78 8.40 13.03 2.00
CA ALA B 78 7.84 14.26 2.52
C ALA B 78 7.77 15.37 1.45
N ASP B 79 8.69 15.31 0.49
CA ASP B 79 8.77 16.34 -0.55
C ASP B 79 9.12 15.74 -1.91
N MET B 80 8.15 15.76 -2.82
CA MET B 80 8.33 15.20 -4.16
C MET B 80 9.51 15.85 -4.87
N GLU B 81 9.87 17.08 -4.47
CA GLU B 81 11.01 17.76 -5.07
C GLU B 81 12.28 16.97 -4.82
N GLN B 82 12.28 16.13 -3.78
CA GLN B 82 13.46 15.33 -3.46
C GLN B 82 13.51 13.97 -4.13
N PHE B 83 12.57 13.73 -5.04
CA PHE B 83 12.48 12.48 -5.78
C PHE B 83 13.84 12.09 -6.40
N ALA B 84 14.48 13.00 -7.11
CA ALA B 84 15.76 12.68 -7.76
C ALA B 84 16.83 12.22 -6.77
N GLU B 85 16.97 12.92 -5.66
CA GLU B 85 17.97 12.56 -4.66
C GLU B 85 17.70 11.18 -4.05
N VAL B 86 16.45 10.94 -3.68
CA VAL B 86 16.10 9.66 -3.08
C VAL B 86 16.27 8.54 -4.09
N ASN B 87 15.92 8.82 -5.34
CA ASN B 87 16.01 7.83 -6.38
C ASN B 87 17.46 7.45 -6.62
N GLU B 88 18.37 8.42 -6.50
CA GLU B 88 19.79 8.15 -6.72
C GLU B 88 20.28 7.13 -5.68
N VAL B 89 19.89 7.32 -4.42
CA VAL B 89 20.32 6.40 -3.36
C VAL B 89 19.61 5.06 -3.51
N TYR B 90 18.32 5.11 -3.77
CA TYR B 90 17.50 3.92 -3.96
C TYR B 90 18.14 2.97 -4.99
N GLY B 91 18.61 3.55 -6.09
CA GLY B 91 19.21 2.78 -7.17
C GLY B 91 20.51 2.03 -6.81
N GLN B 92 21.16 2.44 -5.73
CA GLN B 92 22.38 1.77 -5.32
C GLN B 92 22.05 0.43 -4.67
N TYR B 93 20.85 0.33 -4.09
CA TYR B 93 20.44 -0.90 -3.40
C TYR B 93 19.70 -1.84 -4.34
N PHE B 94 18.92 -1.28 -5.26
CA PHE B 94 18.16 -2.06 -6.22
C PHE B 94 18.83 -1.78 -7.56
N ASP B 95 20.01 -2.37 -7.68
CA ASP B 95 20.89 -2.21 -8.81
C ASP B 95 20.59 -3.14 -9.96
N THR B 96 20.89 -4.43 -9.77
CA THR B 96 20.61 -5.41 -10.80
C THR B 96 19.19 -5.97 -10.62
N HIS B 97 18.71 -5.95 -9.38
CA HIS B 97 17.35 -6.41 -9.10
C HIS B 97 16.47 -5.15 -8.95
N LYS B 98 15.42 -5.06 -9.75
CA LYS B 98 14.54 -3.90 -9.73
C LYS B 98 13.09 -4.30 -9.42
N PRO B 99 12.67 -4.13 -8.16
CA PRO B 99 11.29 -4.48 -7.78
C PRO B 99 10.24 -3.55 -8.36
N ALA B 100 8.97 -3.94 -8.24
CA ALA B 100 7.86 -3.07 -8.64
C ALA B 100 7.88 -1.96 -7.56
N ARG B 101 7.39 -0.77 -7.90
CA ARG B 101 7.44 0.35 -6.96
C ARG B 101 6.30 1.34 -7.14
N SER B 102 5.92 2.01 -6.04
CA SER B 102 4.94 3.08 -6.05
C SER B 102 5.58 4.15 -5.19
N CYS B 103 5.29 5.41 -5.51
CA CYS B 103 5.90 6.54 -4.78
C CYS B 103 4.89 7.65 -4.70
N VAL B 104 4.75 8.22 -3.51
CA VAL B 104 3.80 9.30 -3.31
C VAL B 104 4.33 10.27 -2.26
N GLU B 105 3.86 11.51 -2.30
CA GLU B 105 4.20 12.47 -1.24
C GLU B 105 2.95 12.54 -0.39
N VAL B 106 3.05 12.13 0.87
CA VAL B 106 1.90 12.18 1.80
C VAL B 106 1.94 13.53 2.47
N ALA B 107 1.03 13.77 3.42
CA ALA B 107 1.01 15.05 4.12
C ALA B 107 2.09 15.08 5.22
N ARG B 108 2.29 13.94 5.90
CA ARG B 108 3.27 13.89 6.97
C ARG B 108 3.62 12.44 7.33
N LEU B 109 4.88 12.22 7.73
CA LEU B 109 5.35 10.89 8.14
C LEU B 109 5.71 10.92 9.63
N PRO B 110 5.81 9.73 10.25
CA PRO B 110 6.16 9.66 11.69
C PRO B 110 7.45 10.45 11.92
N LYS B 111 7.51 11.17 13.03
CA LYS B 111 8.67 11.99 13.40
C LYS B 111 9.11 12.98 12.32
N ASP B 112 8.19 13.39 11.46
CA ASP B 112 8.49 14.30 10.36
C ASP B 112 9.64 13.79 9.52
N ALA B 113 9.70 12.47 9.35
CA ALA B 113 10.73 11.87 8.54
C ALA B 113 10.59 12.39 7.10
N LEU B 114 11.70 12.40 6.38
CA LEU B 114 11.68 12.87 5.02
C LEU B 114 11.37 11.75 4.03
N VAL B 115 11.50 10.50 4.47
CA VAL B 115 11.26 9.36 3.60
C VAL B 115 10.92 8.13 4.44
N GLU B 116 10.03 7.28 3.93
CA GLU B 116 9.66 6.05 4.60
C GLU B 116 9.43 5.00 3.52
N ILE B 117 9.96 3.80 3.72
CA ILE B 117 9.81 2.75 2.70
C ILE B 117 9.41 1.40 3.29
N GLU B 118 8.44 0.73 2.66
CA GLU B 118 8.03 -0.59 3.11
C GLU B 118 8.30 -1.51 1.93
N VAL B 119 8.56 -2.78 2.23
CA VAL B 119 8.84 -3.78 1.20
C VAL B 119 8.13 -5.10 1.46
N ILE B 120 7.95 -5.85 0.39
CA ILE B 120 7.40 -7.20 0.41
C ILE B 120 8.50 -7.99 -0.32
N ALA B 121 8.94 -9.10 0.26
CA ALA B 121 10.02 -9.88 -0.34
C ALA B 121 9.83 -11.38 -0.17
N LEU B 122 10.42 -12.11 -1.11
CA LEU B 122 10.34 -13.56 -1.10
C LEU B 122 11.37 -14.16 -0.16
N VAL B 123 10.94 -15.16 0.61
CA VAL B 123 11.82 -15.87 1.52
C VAL B 123 12.22 -17.15 0.77
N LYS B 124 13.47 -17.22 0.36
CA LYS B 124 13.95 -18.38 -0.39
C LYS B 124 14.07 -19.61 0.47
N THR C 1 11.23 -15.09 -8.88
CA THR C 1 10.48 -13.91 -9.41
C THR C 1 11.04 -13.47 -10.74
N LYS C 2 10.19 -12.80 -11.51
CA LYS C 2 10.55 -12.34 -12.84
C LYS C 2 10.02 -10.92 -13.09
N ALA C 3 10.81 -10.09 -13.79
CA ALA C 3 10.38 -8.74 -14.12
C ALA C 3 9.51 -8.78 -15.37
N VAL C 4 8.56 -7.86 -15.45
CA VAL C 4 7.67 -7.77 -16.59
C VAL C 4 8.07 -6.54 -17.41
N HIS C 5 8.18 -6.70 -18.73
CA HIS C 5 8.57 -5.59 -19.62
C HIS C 5 7.68 -5.57 -20.86
N THR C 6 7.04 -4.44 -21.14
CA THR C 6 6.21 -4.31 -22.33
C THR C 6 6.35 -2.91 -22.91
N LYS C 7 6.42 -2.82 -24.24
CA LYS C 7 6.53 -1.53 -24.90
C LYS C 7 5.20 -0.80 -24.93
N HIS C 8 4.14 -1.47 -24.47
CA HIS C 8 2.81 -0.88 -24.46
C HIS C 8 2.46 -0.06 -23.21
N ALA C 9 3.47 0.14 -22.36
CA ALA C 9 3.33 0.95 -21.16
C ALA C 9 4.62 1.75 -21.09
N PRO C 10 4.59 2.91 -20.42
CA PRO C 10 5.84 3.67 -20.35
C PRO C 10 7.01 2.82 -19.79
N ALA C 11 8.17 2.95 -20.41
CA ALA C 11 9.33 2.21 -19.99
C ALA C 11 9.72 2.52 -18.54
N ALA C 12 10.14 1.49 -17.83
CA ALA C 12 10.58 1.66 -16.45
C ALA C 12 12.00 2.20 -16.58
N ILE C 13 12.16 3.49 -16.35
CA ILE C 13 13.46 4.13 -16.46
C ILE C 13 13.97 4.38 -15.06
N GLY C 14 14.98 3.63 -14.66
CA GLY C 14 15.50 3.80 -13.33
C GLY C 14 15.50 2.47 -12.60
N PRO C 15 15.65 2.50 -11.28
CA PRO C 15 15.70 1.31 -10.44
C PRO C 15 14.40 0.58 -10.09
N TYR C 16 13.54 0.35 -11.08
CA TYR C 16 12.30 -0.37 -10.85
C TYR C 16 11.86 -1.09 -12.13
N SER C 17 10.87 -1.97 -12.00
CA SER C 17 10.32 -2.70 -13.13
C SER C 17 8.85 -2.34 -13.22
N GLN C 18 8.28 -2.43 -14.42
CA GLN C 18 6.87 -2.13 -14.64
C GLN C 18 6.04 -3.01 -13.73
N GLY C 19 6.54 -4.22 -13.48
CA GLY C 19 5.84 -5.15 -12.60
C GLY C 19 6.71 -6.34 -12.32
N ILE C 20 6.30 -7.18 -11.37
CA ILE C 20 7.06 -8.37 -10.99
C ILE C 20 6.10 -9.53 -10.79
N ILE C 21 6.50 -10.71 -11.27
CA ILE C 21 5.70 -11.90 -11.05
C ILE C 21 6.44 -12.69 -9.97
N VAL C 22 5.73 -13.19 -8.97
CA VAL C 22 6.36 -13.99 -7.91
C VAL C 22 5.33 -15.05 -7.53
N ASN C 23 5.78 -16.30 -7.38
CA ASN C 23 4.87 -17.41 -7.09
C ASN C 23 3.85 -17.32 -8.23
N ASN C 24 2.54 -17.27 -7.92
CA ASN C 24 1.51 -17.16 -8.97
C ASN C 24 0.81 -15.80 -8.93
N MET C 25 1.52 -14.77 -8.46
CA MET C 25 0.95 -13.42 -8.36
C MET C 25 1.78 -12.40 -9.13
N PHE C 26 1.12 -11.30 -9.48
CA PHE C 26 1.74 -10.21 -10.21
C PHE C 26 1.53 -8.91 -9.45
N TYR C 27 2.61 -8.15 -9.26
CA TYR C 27 2.56 -6.84 -8.60
C TYR C 27 2.95 -5.79 -9.62
N SER C 28 2.10 -4.80 -9.86
CA SER C 28 2.46 -3.76 -10.81
C SER C 28 3.07 -2.60 -10.04
N SER C 29 3.86 -1.79 -10.73
CA SER C 29 4.34 -0.57 -10.10
C SER C 29 3.12 0.37 -10.19
N GLY C 30 3.16 1.48 -9.46
CA GLY C 30 2.06 2.44 -9.53
C GLY C 30 2.08 3.10 -10.91
N GLN C 31 0.99 3.00 -11.65
CA GLN C 31 0.92 3.59 -12.98
C GLN C 31 0.37 5.00 -12.94
N ILE C 32 0.98 5.89 -13.73
CA ILE C 32 0.56 7.29 -13.81
C ILE C 32 0.13 7.59 -15.26
N PRO C 33 -0.46 8.76 -15.50
CA PRO C 33 -0.90 9.09 -16.87
C PRO C 33 0.14 9.40 -17.96
N LEU C 34 1.15 8.56 -18.09
CA LEU C 34 2.18 8.75 -19.11
C LEU C 34 1.86 7.85 -20.30
N THR C 35 2.15 8.32 -21.50
CA THR C 35 1.94 7.54 -22.70
C THR C 35 3.13 6.60 -22.79
N PRO C 36 3.03 5.55 -23.62
CA PRO C 36 4.15 4.61 -23.77
C PRO C 36 5.44 5.33 -24.16
N SER C 37 5.33 6.43 -24.89
CA SER C 37 6.52 7.17 -25.31
C SER C 37 7.05 8.11 -24.22
N GLY C 38 6.44 8.06 -23.04
CA GLY C 38 6.91 8.89 -21.94
C GLY C 38 6.45 10.32 -21.79
N GLU C 39 5.33 10.67 -22.40
CA GLU C 39 4.79 12.02 -22.29
C GLU C 39 3.53 12.01 -21.42
N MET C 40 3.38 13.05 -20.59
CA MET C 40 2.19 13.15 -19.75
C MET C 40 0.98 13.50 -20.59
N VAL C 41 -0.12 12.79 -20.36
CA VAL C 41 -1.36 13.06 -21.07
C VAL C 41 -1.88 14.38 -20.49
N ASN C 42 -2.25 15.33 -21.35
CA ASN C 42 -2.71 16.63 -20.86
C ASN C 42 -4.22 16.91 -20.97
N GLY C 43 -5.03 15.88 -20.90
CA GLY C 43 -6.47 16.07 -20.96
C GLY C 43 -6.99 16.20 -19.53
N ASP C 44 -8.29 16.01 -19.36
CA ASP C 44 -8.87 16.12 -18.03
C ASP C 44 -8.56 14.89 -17.16
N ILE C 45 -9.12 14.87 -15.96
CA ILE C 45 -8.90 13.75 -15.04
C ILE C 45 -9.37 12.42 -15.64
N LYS C 46 -10.43 12.44 -16.45
CA LYS C 46 -10.93 11.20 -17.06
C LYS C 46 -9.94 10.69 -18.11
N GLU C 47 -9.41 11.62 -18.89
CA GLU C 47 -8.44 11.25 -19.91
C GLU C 47 -7.16 10.76 -19.22
N GLN C 48 -6.79 11.37 -18.11
CA GLN C 48 -5.60 10.92 -17.38
C GLN C 48 -5.84 9.51 -16.82
N THR C 49 -7.03 9.28 -16.26
CA THR C 49 -7.36 7.97 -15.70
C THR C 49 -7.40 6.92 -16.81
N HIS C 50 -7.89 7.26 -18.00
CA HIS C 50 -7.89 6.29 -19.09
C HIS C 50 -6.47 5.84 -19.44
N GLN C 51 -5.51 6.77 -19.47
CA GLN C 51 -4.12 6.39 -19.81
C GLN C 51 -3.57 5.45 -18.72
N VAL C 52 -3.92 5.73 -17.48
CA VAL C 52 -3.47 4.88 -16.38
C VAL C 52 -3.98 3.47 -16.62
N PHE C 53 -5.25 3.35 -16.98
CA PHE C 53 -5.79 2.02 -17.23
C PHE C 53 -5.20 1.36 -18.48
N SER C 54 -4.85 2.14 -19.49
CA SER C 54 -4.21 1.54 -20.68
C SER C 54 -2.87 0.99 -20.25
N ASN C 55 -2.20 1.72 -19.35
CA ASN C 55 -0.89 1.27 -18.89
C ASN C 55 -1.02 -0.01 -18.03
N LEU C 56 -2.04 -0.05 -17.19
CA LEU C 56 -2.27 -1.22 -16.34
C LEU C 56 -2.60 -2.43 -17.21
N LYS C 57 -3.43 -2.20 -18.22
CA LYS C 57 -3.83 -3.29 -19.11
C LYS C 57 -2.61 -3.92 -19.76
N ALA C 58 -1.68 -3.08 -20.22
CA ALA C 58 -0.46 -3.58 -20.87
C ALA C 58 0.42 -4.40 -19.96
N VAL C 59 0.72 -3.90 -18.77
CA VAL C 59 1.57 -4.65 -17.86
C VAL C 59 0.89 -5.93 -17.34
N LEU C 60 -0.42 -5.87 -17.08
CA LEU C 60 -1.16 -7.04 -16.61
C LEU C 60 -1.09 -8.16 -17.66
N GLU C 61 -1.36 -7.82 -18.91
CA GLU C 61 -1.35 -8.82 -19.96
C GLU C 61 0.03 -9.38 -20.26
N GLU C 62 1.06 -8.56 -20.17
CA GLU C 62 2.41 -9.08 -20.41
C GLU C 62 2.76 -10.08 -19.32
N ALA C 63 2.16 -9.92 -18.14
CA ALA C 63 2.43 -10.81 -17.01
C ALA C 63 1.56 -12.07 -16.99
N GLY C 64 0.60 -12.16 -17.91
CA GLY C 64 -0.28 -13.31 -17.95
C GLY C 64 -1.46 -13.13 -17.01
N ALA C 65 -1.78 -11.89 -16.68
CA ALA C 65 -2.91 -11.58 -15.81
C ALA C 65 -3.89 -10.70 -16.59
N SER C 66 -4.95 -10.24 -15.95
CA SER C 66 -5.92 -9.37 -16.63
C SER C 66 -6.68 -8.58 -15.56
N PHE C 67 -7.54 -7.64 -15.99
CA PHE C 67 -8.32 -6.91 -15.01
C PHE C 67 -9.20 -7.90 -14.27
N GLU C 68 -9.61 -8.97 -14.96
CA GLU C 68 -10.46 -9.99 -14.35
C GLU C 68 -9.79 -10.82 -13.27
N THR C 69 -8.46 -10.72 -13.13
CA THR C 69 -7.78 -11.45 -12.07
C THR C 69 -7.17 -10.52 -11.04
N VAL C 70 -7.48 -9.22 -11.12
CA VAL C 70 -6.94 -8.29 -10.12
C VAL C 70 -7.60 -8.56 -8.77
N VAL C 71 -6.82 -8.59 -7.70
CA VAL C 71 -7.40 -8.86 -6.38
C VAL C 71 -7.42 -7.62 -5.47
N LYS C 72 -6.51 -6.68 -5.71
CA LYS C 72 -6.41 -5.49 -4.88
C LYS C 72 -5.82 -4.34 -5.67
N ALA C 73 -6.37 -3.14 -5.49
CA ALA C 73 -5.85 -1.94 -6.14
C ALA C 73 -5.75 -0.87 -5.08
N THR C 74 -4.78 0.03 -5.23
CA THR C 74 -4.69 1.16 -4.34
C THR C 74 -4.65 2.35 -5.29
N VAL C 75 -5.56 3.30 -5.05
CA VAL C 75 -5.68 4.49 -5.87
C VAL C 75 -5.24 5.70 -5.06
N PHE C 76 -4.27 6.44 -5.56
CA PHE C 76 -3.77 7.66 -4.91
C PHE C 76 -4.24 8.78 -5.84
N ILE C 77 -4.99 9.75 -5.33
CA ILE C 77 -5.45 10.85 -6.17
C ILE C 77 -4.98 12.18 -5.62
N ALA C 78 -4.80 13.16 -6.50
CA ALA C 78 -4.35 14.47 -6.06
C ALA C 78 -5.45 15.26 -5.42
N ASP C 79 -6.71 14.97 -5.76
CA ASP C 79 -7.86 15.71 -5.21
C ASP C 79 -9.09 14.81 -5.07
N MET C 80 -9.51 14.61 -3.83
CA MET C 80 -10.65 13.78 -3.52
C MET C 80 -11.94 14.32 -4.15
N GLU C 81 -11.94 15.59 -4.54
CA GLU C 81 -13.13 16.15 -5.21
C GLU C 81 -13.34 15.49 -6.58
N GLN C 82 -12.28 14.90 -7.13
CA GLN C 82 -12.35 14.25 -8.43
C GLN C 82 -12.62 12.73 -8.32
N PHE C 83 -12.99 12.29 -7.12
CA PHE C 83 -13.28 10.88 -6.84
C PHE C 83 -14.31 10.31 -7.82
N ALA C 84 -15.46 10.97 -7.91
CA ALA C 84 -16.52 10.51 -8.80
C ALA C 84 -16.06 10.30 -10.24
N GLU C 85 -15.31 11.26 -10.76
CA GLU C 85 -14.82 11.18 -12.14
C GLU C 85 -13.85 10.04 -12.36
N VAL C 86 -12.93 9.83 -11.43
CA VAL C 86 -11.97 8.74 -11.56
C VAL C 86 -12.74 7.42 -11.45
N ASN C 87 -13.72 7.39 -10.54
CA ASN C 87 -14.51 6.20 -10.31
C ASN C 87 -15.31 5.79 -11.56
N GLU C 88 -15.77 6.76 -12.35
CA GLU C 88 -16.52 6.46 -13.58
C GLU C 88 -15.64 5.67 -14.54
N VAL C 89 -14.40 6.09 -14.68
CA VAL C 89 -13.48 5.38 -15.57
C VAL C 89 -13.12 4.02 -14.96
N TYR C 90 -12.82 4.03 -13.67
CA TYR C 90 -12.44 2.83 -12.93
C TYR C 90 -13.51 1.73 -13.11
N GLY C 91 -14.77 2.14 -13.00
CA GLY C 91 -15.88 1.20 -13.11
C GLY C 91 -16.08 0.56 -14.47
N GLN C 92 -15.50 1.14 -15.52
CA GLN C 92 -15.64 0.53 -16.85
C GLN C 92 -14.77 -0.71 -16.94
N TYR C 93 -13.69 -0.73 -16.16
CA TYR C 93 -12.77 -1.87 -16.18
C TYR C 93 -13.05 -2.94 -15.12
N PHE C 94 -13.54 -2.52 -13.96
CA PHE C 94 -13.81 -3.46 -12.86
C PHE C 94 -15.31 -3.47 -12.54
N ASP C 95 -16.11 -3.68 -13.56
CA ASP C 95 -17.57 -3.66 -13.45
C ASP C 95 -18.21 -4.89 -12.81
N THR C 96 -17.83 -6.07 -13.27
CA THR C 96 -18.39 -7.31 -12.73
C THR C 96 -17.39 -7.97 -11.80
N HIS C 97 -16.11 -7.94 -12.17
CA HIS C 97 -15.06 -8.49 -11.32
C HIS C 97 -14.64 -7.27 -10.51
N LYS C 98 -14.84 -7.31 -9.20
CA LYS C 98 -14.55 -6.15 -8.36
C LYS C 98 -13.48 -6.38 -7.30
N PRO C 99 -12.27 -5.89 -7.56
CA PRO C 99 -11.17 -6.06 -6.59
C PRO C 99 -11.40 -5.32 -5.28
N ALA C 100 -10.61 -5.69 -4.26
CA ALA C 100 -10.62 -4.96 -2.99
C ALA C 100 -9.93 -3.63 -3.38
N ARG C 101 -10.19 -2.56 -2.66
CA ARG C 101 -9.60 -1.28 -3.05
C ARG C 101 -9.42 -0.31 -1.89
N SER C 102 -8.43 0.56 -1.99
CA SER C 102 -8.21 1.62 -1.00
C SER C 102 -7.99 2.88 -1.84
N CYS C 103 -8.49 4.02 -1.36
CA CYS C 103 -8.34 5.28 -2.10
C CYS C 103 -8.03 6.39 -1.11
N VAL C 104 -6.98 7.15 -1.37
CA VAL C 104 -6.63 8.25 -0.50
C VAL C 104 -6.16 9.43 -1.34
N GLU C 105 -6.31 10.63 -0.79
CA GLU C 105 -5.83 11.82 -1.47
C GLU C 105 -4.45 12.10 -0.89
N VAL C 106 -3.46 12.22 -1.77
CA VAL C 106 -2.09 12.50 -1.34
C VAL C 106 -1.79 13.97 -1.63
N ALA C 107 -0.68 14.45 -1.08
CA ALA C 107 -0.26 15.84 -1.29
C ALA C 107 0.24 16.04 -2.72
N ARG C 108 1.02 15.08 -3.21
CA ARG C 108 1.59 15.20 -4.55
C ARG C 108 2.00 13.83 -5.12
N LEU C 109 2.00 13.70 -6.46
CA LEU C 109 2.38 12.44 -7.10
C LEU C 109 3.54 12.70 -8.05
N PRO C 110 4.26 11.64 -8.47
CA PRO C 110 5.37 11.81 -9.39
C PRO C 110 4.86 12.52 -10.65
N LYS C 111 5.67 13.45 -11.18
CA LYS C 111 5.35 14.23 -12.37
C LYS C 111 4.05 15.02 -12.20
N ASP C 112 3.70 15.27 -10.95
CA ASP C 112 2.48 15.98 -10.60
C ASP C 112 1.21 15.41 -11.26
N ALA C 113 1.21 14.08 -11.37
CA ALA C 113 0.08 13.34 -11.92
C ALA C 113 -1.13 13.57 -11.03
N LEU C 114 -2.33 13.47 -11.61
CA LEU C 114 -3.55 13.68 -10.86
C LEU C 114 -4.05 12.37 -10.24
N VAL C 115 -3.51 11.25 -10.72
CA VAL C 115 -3.89 9.94 -10.25
C VAL C 115 -2.78 8.90 -10.49
N GLU C 116 -2.62 7.96 -9.57
CA GLU C 116 -1.62 6.90 -9.69
C GLU C 116 -2.33 5.65 -9.15
N ILE C 117 -2.26 4.56 -9.89
CA ILE C 117 -2.93 3.33 -9.45
C ILE C 117 -2.03 2.10 -9.53
N GLU C 118 -2.00 1.32 -8.46
CA GLU C 118 -1.21 0.08 -8.44
C GLU C 118 -2.17 -1.09 -8.25
N VAL C 119 -1.80 -2.27 -8.77
CA VAL C 119 -2.64 -3.45 -8.63
C VAL C 119 -1.82 -4.70 -8.31
N ILE C 120 -2.51 -5.69 -7.75
CA ILE C 120 -1.94 -7.01 -7.45
C ILE C 120 -2.95 -7.94 -8.13
N ALA C 121 -2.47 -8.91 -8.90
CA ALA C 121 -3.36 -9.80 -9.64
C ALA C 121 -2.89 -11.25 -9.66
N LEU C 122 -3.84 -12.16 -9.82
CA LEU C 122 -3.53 -13.59 -9.91
C LEU C 122 -3.05 -13.95 -11.33
N VAL C 123 -2.02 -14.78 -11.44
CA VAL C 123 -1.53 -15.24 -12.74
C VAL C 123 -2.03 -16.69 -12.85
N LYS C 124 -3.04 -16.91 -13.68
CA LYS C 124 -3.59 -18.26 -13.81
C LYS C 124 -2.76 -19.25 -14.63
HG HG D . 0.37 7.52 11.39
HG HG D . -0.93 5.19 13.22
C ACY E . -12.27 -4.22 21.87
O ACY E . -11.68 -3.25 22.52
OXT ACY E . -13.48 -4.24 21.44
CH3 ACY E . -11.37 -5.43 21.64
C ACY F . -7.53 -18.93 -6.35
O ACY F . -7.64 -18.21 -5.26
OXT ACY F . -8.47 -19.25 -7.15
CH3 ACY F . -6.12 -19.41 -6.61
HG EMC G . 10.07 7.95 -5.21
HG EMC G . 10.25 6.86 -5.64
C1 EMC G . 12.08 7.63 -5.73
C1 EMC G . 12.01 7.95 -5.37
C2 EMC G . 12.56 6.37 -5.15
C2 EMC G . 11.70 9.14 -4.56
C ACY H . 26.30 4.78 3.28
O ACY H . 26.41 3.50 3.07
OXT ACY H . 26.76 5.76 2.56
CH3 ACY H . 25.52 5.10 4.54
C ACY I . 1.84 -19.66 7.43
O ACY I . 2.77 -18.84 7.03
OXT ACY I . 1.59 -20.01 8.64
CH3 ACY I . 1.00 -20.24 6.29
C ACY J . 23.12 -2.00 15.87
O ACY J . 23.05 -2.72 14.78
OXT ACY J . 23.54 -0.78 15.98
CH3 ACY J . 22.63 -2.73 17.12
HG EMC K . -10.91 6.68 -5.55
HG EMC K . -10.96 4.70 -5.87
C1 EMC K . -12.12 6.20 -7.19
C1 EMC K . -11.52 5.33 -7.76
C2 EMC K . -11.59 5.02 -7.88
C2 EMC K . -12.06 6.67 -7.57
C ACY L . -6.95 -14.38 -17.04
O ACY L . -5.96 -13.61 -16.69
OXT ACY L . -8.20 -14.05 -17.15
CH3 ACY L . -6.51 -15.81 -17.35
#